data_6B9M
#
_entry.id   6B9M
#
_cell.length_a   81.219
_cell.length_b   66.142
_cell.length_c   120.576
_cell.angle_alpha   90.00
_cell.angle_beta   104.92
_cell.angle_gamma   90.00
#
_symmetry.space_group_name_H-M   'C 1 2 1'
#
loop_
_entity.id
_entity.type
_entity.pdbx_description
1 polymer 'E3 ubiquitin-protein ligase UHRF1'
2 polymer 'E3 ubiquitin-protein ligase UHRF1'
3 water water
#
loop_
_entity_poly.entity_id
_entity_poly.type
_entity_poly.pdbx_seq_one_letter_code
_entity_poly.pdbx_strand_id
1 'polypeptide(L)'
;SLIDPGFGFYKINEFVDARDLNMGAWFEAQIVKVTKTPAEDGGPEEIVYHVKYEDYPENGVVQLRGKDVRPRARTVYQWR
QLEPGMIVMVNYNPDDPKERGYWYDAEIQRKRETRTQREVFGKILLGDAGDSLNDCRIMFVTEIYKIEEPGSA
;
A,B,C
2 'polypeptide(L)' ASPRTGKGKWKRKSAGGGPSRAGSPRRTSKKTKVEPYSLTA D
#
# COMPACT_ATOMS: atom_id res chain seq x y z
N SER A 1 -18.63 -16.98 5.06
CA SER A 1 -17.30 -16.51 4.68
C SER A 1 -16.63 -15.86 5.89
N LEU A 2 -17.10 -14.68 6.24
CA LEU A 2 -16.62 -13.99 7.42
C LEU A 2 -17.23 -14.58 8.70
N ILE A 3 -16.38 -14.87 9.68
CA ILE A 3 -16.85 -15.41 10.95
C ILE A 3 -16.72 -14.37 12.05
N ASP A 4 -17.82 -14.09 12.74
CA ASP A 4 -17.75 -13.11 13.82
C ASP A 4 -17.36 -13.80 15.11
N PRO A 5 -16.21 -13.44 15.68
CA PRO A 5 -15.80 -14.06 16.95
C PRO A 5 -16.69 -13.58 18.09
N GLY A 6 -17.45 -12.52 17.89
CA GLY A 6 -18.36 -12.02 18.92
C GLY A 6 -17.81 -10.79 19.63
N PHE A 7 -16.57 -10.44 19.33
CA PHE A 7 -15.94 -9.25 19.88
C PHE A 7 -14.97 -8.70 18.85
N GLY A 8 -14.59 -7.45 19.04
CA GLY A 8 -13.69 -6.79 18.11
C GLY A 8 -14.40 -6.25 16.87
N PHE A 9 -13.65 -5.56 16.02
CA PHE A 9 -14.27 -4.88 14.88
C PHE A 9 -14.19 -5.64 13.58
N TYR A 10 -13.50 -6.78 13.56
CA TYR A 10 -13.20 -7.45 12.28
C TYR A 10 -13.61 -8.93 12.38
N LYS A 11 -14.04 -9.49 11.26
CA LYS A 11 -14.39 -10.89 11.19
C LYS A 11 -13.15 -11.74 10.88
N ILE A 12 -13.15 -13.00 11.32
CA ILE A 12 -12.15 -13.96 10.87
C ILE A 12 -12.24 -14.06 9.34
N ASN A 13 -11.08 -14.01 8.67
CA ASN A 13 -10.97 -14.07 7.19
C ASN A 13 -11.28 -12.74 6.51
N GLU A 14 -11.58 -11.71 7.30
CA GLU A 14 -11.84 -10.40 6.71
C GLU A 14 -10.54 -9.84 6.14
N PHE A 15 -10.64 -9.23 4.96
CA PHE A 15 -9.49 -8.55 4.39
C PHE A 15 -9.42 -7.12 4.89
N VAL A 16 -8.25 -6.75 5.42
CA VAL A 16 -8.05 -5.48 6.11
C VAL A 16 -6.75 -4.85 5.67
N ASP A 17 -6.45 -3.67 6.19
CA ASP A 17 -5.11 -3.10 6.04
C ASP A 17 -4.48 -3.14 7.41
N ALA A 18 -3.20 -3.49 7.48
CA ALA A 18 -2.50 -3.60 8.75
C ALA A 18 -1.26 -2.75 8.70
N ARG A 19 -0.98 -2.07 9.80
CA ARG A 19 0.15 -1.15 9.86
CA ARG A 19 0.16 -1.15 9.86
C ARG A 19 1.36 -1.79 10.52
N ASP A 20 2.51 -1.65 9.88
CA ASP A 20 3.74 -2.17 10.45
C ASP A 20 4.29 -1.14 11.44
N LEU A 21 4.52 -1.53 12.69
CA LEU A 21 4.82 -0.59 13.76
C LEU A 21 6.16 0.17 13.57
N ASN A 22 7.16 -0.50 13.00
CA ASN A 22 8.45 0.13 12.76
C ASN A 22 8.43 1.13 11.62
N MET A 23 7.66 0.83 10.58
CA MET A 23 7.66 1.63 9.36
C MET A 23 6.62 2.73 9.34
N GLY A 24 5.45 2.42 9.86
CA GLY A 24 4.31 3.32 9.73
C GLY A 24 3.53 3.07 8.45
N ALA A 25 3.93 2.05 7.69
CA ALA A 25 3.29 1.81 6.41
C ALA A 25 2.21 0.72 6.55
N TRP A 26 1.21 0.82 5.68
CA TRP A 26 0.03 -0.04 5.70
C TRP A 26 0.08 -1.08 4.59
N PHE A 27 -0.28 -2.31 4.94
CA PHE A 27 -0.19 -3.43 4.01
C PHE A 27 -1.47 -4.24 4.00
N GLU A 28 -1.80 -4.77 2.82
CA GLU A 28 -2.95 -5.65 2.70
C GLU A 28 -2.78 -6.87 3.57
N ALA A 29 -3.79 -7.16 4.38
CA ALA A 29 -3.70 -8.25 5.35
C ALA A 29 -5.03 -8.99 5.51
N GLN A 30 -4.99 -10.05 6.29
CA GLN A 30 -6.21 -10.85 6.52
C GLN A 30 -6.25 -11.26 7.99
N ILE A 31 -7.41 -11.11 8.61
CA ILE A 31 -7.62 -11.55 9.99
C ILE A 31 -7.58 -13.05 10.07
N VAL A 32 -6.76 -13.60 10.96
CA VAL A 32 -6.74 -15.04 11.13
C VAL A 32 -7.32 -15.45 12.51
N LYS A 33 -7.23 -14.54 13.46
CA LYS A 33 -7.66 -14.82 14.82
C LYS A 33 -7.84 -13.52 15.59
N VAL A 34 -8.75 -13.54 16.55
CA VAL A 34 -8.99 -12.39 17.40
C VAL A 34 -9.03 -12.87 18.84
N THR A 35 -8.21 -12.25 19.70
CA THR A 35 -8.18 -12.58 21.11
C THR A 35 -8.34 -11.33 21.98
N LYS A 36 -8.48 -11.54 23.28
CA LYS A 36 -8.65 -10.44 24.22
C LYS A 36 -7.52 -10.47 25.24
N THR A 37 -7.12 -9.31 25.74
CA THR A 37 -6.10 -9.23 26.78
C THR A 37 -6.50 -8.18 27.80
N PRO A 38 -6.18 -8.40 29.08
CA PRO A 38 -6.58 -7.42 30.09
C PRO A 38 -6.06 -6.01 29.81
N ALA A 39 -6.85 -4.98 30.13
CA ALA A 39 -6.34 -3.61 30.05
C ALA A 39 -5.38 -3.36 31.20
N GLU A 40 -4.44 -2.45 30.99
CA GLU A 40 -3.45 -2.12 32.01
C GLU A 40 -4.07 -1.27 33.12
N ASP A 41 -5.13 -0.54 32.81
CA ASP A 41 -5.70 0.40 33.76
C ASP A 41 -7.05 -0.03 34.32
N GLY A 42 -7.42 -1.29 34.10
CA GLY A 42 -8.67 -1.81 34.65
C GLY A 42 -9.85 -1.40 33.80
N GLY A 43 -9.58 -0.83 32.63
CA GLY A 43 -10.61 -0.49 31.68
C GLY A 43 -11.13 -1.70 30.90
N PRO A 44 -11.77 -1.46 29.76
CA PRO A 44 -12.30 -2.56 28.93
C PRO A 44 -11.19 -3.48 28.46
N GLU A 45 -11.52 -4.76 28.25
CA GLU A 45 -10.56 -5.71 27.72
C GLU A 45 -10.03 -5.20 26.40
N GLU A 46 -8.74 -5.37 26.16
CA GLU A 46 -8.17 -4.91 24.91
C GLU A 46 -8.22 -6.02 23.90
N ILE A 47 -8.47 -5.66 22.63
CA ILE A 47 -8.62 -6.66 21.58
C ILE A 47 -7.32 -6.80 20.82
N VAL A 48 -6.90 -8.04 20.58
CA VAL A 48 -5.72 -8.29 19.76
C VAL A 48 -6.13 -8.95 18.43
N TYR A 49 -5.73 -8.33 17.31
CA TYR A 49 -6.02 -8.88 16.01
C TYR A 49 -4.79 -9.58 15.45
N HIS A 50 -4.95 -10.86 15.13
CA HIS A 50 -3.87 -11.67 14.57
C HIS A 50 -4.03 -11.66 13.06
N VAL A 51 -3.02 -11.14 12.35
CA VAL A 51 -3.18 -10.97 10.92
C VAL A 51 -2.05 -11.65 10.16
N LYS A 52 -2.33 -11.98 8.92
CA LYS A 52 -1.28 -12.41 8.00
C LYS A 52 -1.29 -11.43 6.83
N TYR A 53 -0.13 -11.16 6.29
CA TYR A 53 -0.04 -10.22 5.19
C TYR A 53 -0.22 -10.99 3.90
N GLU A 54 -1.08 -10.48 3.01
CA GLU A 54 -1.42 -11.23 1.80
C GLU A 54 -0.23 -11.55 0.91
N ASP A 55 0.68 -10.61 0.73
CA ASP A 55 1.81 -10.83 -0.17
C ASP A 55 3.10 -11.22 0.55
N TYR A 56 3.04 -11.34 1.86
CA TYR A 56 4.24 -11.56 2.67
C TYR A 56 3.95 -12.65 3.71
N PRO A 57 3.76 -13.90 3.25
CA PRO A 57 3.58 -14.99 4.19
C PRO A 57 4.81 -15.24 5.07
N GLU A 58 5.98 -14.75 4.63
CA GLU A 58 7.22 -14.93 5.39
C GLU A 58 7.14 -14.20 6.74
N ASN A 59 6.29 -13.18 6.84
CA ASN A 59 6.11 -12.50 8.12
C ASN A 59 5.33 -13.31 9.16
N GLY A 60 4.77 -14.46 8.78
CA GLY A 60 4.00 -15.24 9.73
C GLY A 60 2.69 -14.60 10.13
N VAL A 61 2.37 -14.71 11.41
CA VAL A 61 1.18 -14.07 11.96
C VAL A 61 1.64 -13.01 12.92
N VAL A 62 1.11 -11.81 12.74
CA VAL A 62 1.50 -10.69 13.56
C VAL A 62 0.32 -10.23 14.38
N GLN A 63 0.57 -9.90 15.65
CA GLN A 63 -0.48 -9.50 16.56
C GLN A 63 -0.50 -7.99 16.70
N LEU A 64 -1.65 -7.38 16.46
CA LEU A 64 -1.76 -5.95 16.39
C LEU A 64 -2.92 -5.45 17.21
N ARG A 65 -2.77 -4.25 17.73
CA ARG A 65 -3.86 -3.58 18.42
C ARG A 65 -4.75 -2.84 17.42
N GLY A 66 -5.94 -2.43 17.85
CA GLY A 66 -6.87 -1.74 16.96
C GLY A 66 -6.35 -0.55 16.16
N LYS A 67 -5.46 0.22 16.76
CA LYS A 67 -4.91 1.38 16.06
C LYS A 67 -4.16 1.02 14.77
N ASP A 68 -3.70 -0.23 14.70
CA ASP A 68 -2.88 -0.68 13.58
C ASP A 68 -3.62 -1.59 12.60
N VAL A 69 -4.95 -1.61 12.68
CA VAL A 69 -5.78 -2.36 11.77
C VAL A 69 -6.97 -1.50 11.35
N ARG A 70 -7.35 -1.57 10.09
CA ARG A 70 -8.59 -0.89 9.66
C ARG A 70 -9.16 -1.56 8.41
N PRO A 71 -10.44 -1.27 8.09
CA PRO A 71 -10.93 -1.86 6.85
C PRO A 71 -10.06 -1.47 5.65
N ARG A 72 -10.08 -2.37 4.66
CA ARG A 72 -9.26 -2.23 3.46
C ARG A 72 -9.64 -0.96 2.74
N ALA A 73 -8.64 -0.17 2.37
CA ALA A 73 -8.84 1.06 1.64
C ALA A 73 -9.49 0.73 0.30
N ARG A 74 -10.47 1.54 -0.11
CA ARG A 74 -11.20 1.24 -1.34
C ARG A 74 -11.66 2.46 -2.14
N THR A 75 -11.65 3.64 -1.53
CA THR A 75 -12.18 4.83 -2.17
C THR A 75 -11.07 5.85 -2.36
N VAL A 76 -10.93 6.36 -3.57
CA VAL A 76 -9.92 7.38 -3.88
C VAL A 76 -10.59 8.76 -3.90
N TYR A 77 -9.92 9.78 -3.37
CA TYR A 77 -10.46 11.13 -3.43
C TYR A 77 -10.32 11.72 -4.82
N GLN A 78 -11.33 12.49 -5.21
CA GLN A 78 -11.21 13.36 -6.36
C GLN A 78 -10.39 14.57 -5.94
N TRP A 79 -9.75 15.22 -6.89
CA TRP A 79 -8.96 16.41 -6.60
C TRP A 79 -9.69 17.46 -5.75
N ARG A 80 -10.94 17.77 -6.11
CA ARG A 80 -11.69 18.80 -5.40
C ARG A 80 -11.96 18.46 -3.95
N GLN A 81 -11.79 17.19 -3.60
CA GLN A 81 -12.07 16.75 -2.24
C GLN A 81 -10.87 16.98 -1.31
N LEU A 82 -9.69 17.15 -1.89
CA LEU A 82 -8.50 17.26 -1.05
C LEU A 82 -8.36 18.64 -0.44
N GLU A 83 -8.18 18.68 0.87
CA GLU A 83 -7.99 19.95 1.55
C GLU A 83 -6.94 19.83 2.64
N PRO A 84 -6.22 20.93 2.90
CA PRO A 84 -5.26 20.90 4.01
C PRO A 84 -5.94 20.51 5.33
N GLY A 85 -5.33 19.60 6.05
CA GLY A 85 -5.82 19.18 7.36
C GLY A 85 -6.44 17.80 7.33
N MET A 86 -6.82 17.35 6.14
CA MET A 86 -7.33 15.99 5.98
C MET A 86 -6.24 14.96 6.23
N ILE A 87 -6.60 13.88 6.93
CA ILE A 87 -5.71 12.74 7.09
C ILE A 87 -6.14 11.66 6.11
N VAL A 88 -5.23 11.30 5.23
CA VAL A 88 -5.52 10.48 4.07
C VAL A 88 -4.42 9.45 3.93
N MET A 89 -4.63 8.42 3.11
CA MET A 89 -3.57 7.42 2.90
C MET A 89 -2.95 7.67 1.53
N VAL A 90 -1.63 7.85 1.53
CA VAL A 90 -0.91 8.21 0.30
C VAL A 90 0.20 7.19 0.04
N ASN A 91 0.68 7.17 -1.19
CA ASN A 91 1.90 6.42 -1.51
C ASN A 91 3.12 7.33 -1.48
N TYR A 92 4.18 6.90 -0.79
CA TYR A 92 5.38 7.72 -0.68
C TYR A 92 6.57 6.83 -0.41
N ASN A 93 7.73 7.23 -0.94
CA ASN A 93 8.98 6.51 -0.74
C ASN A 93 9.99 7.40 -0.02
N PRO A 94 10.15 7.23 1.29
CA PRO A 94 11.03 8.10 2.07
C PRO A 94 12.48 8.05 1.62
N ASP A 95 12.93 6.93 1.06
CA ASP A 95 14.32 6.81 0.61
C ASP A 95 14.54 7.39 -0.78
N ASP A 96 13.52 7.29 -1.63
CA ASP A 96 13.58 7.80 -3.00
C ASP A 96 12.28 8.54 -3.30
N PRO A 97 12.18 9.80 -2.84
CA PRO A 97 10.89 10.50 -2.79
C PRO A 97 10.20 10.69 -4.13
N LYS A 98 10.94 10.59 -5.23
CA LYS A 98 10.31 10.76 -6.52
C LYS A 98 9.60 9.50 -7.00
N GLU A 99 9.86 8.38 -6.34
CA GLU A 99 9.42 7.08 -6.85
C GLU A 99 8.24 6.52 -6.07
N ARG A 100 7.63 5.47 -6.62
CA ARG A 100 6.60 4.75 -5.88
C ARG A 100 7.26 4.12 -4.64
N GLY A 101 6.49 4.06 -3.55
CA GLY A 101 6.98 3.45 -2.34
C GLY A 101 5.86 2.74 -1.61
N TYR A 102 5.71 3.08 -0.34
CA TYR A 102 4.74 2.40 0.53
C TYR A 102 3.51 3.25 0.78
N TRP A 103 2.57 2.71 1.54
CA TRP A 103 1.34 3.43 1.80
C TRP A 103 1.35 3.93 3.23
N TYR A 104 1.26 5.25 3.39
CA TYR A 104 1.36 5.91 4.68
C TYR A 104 0.16 6.78 4.93
N ASP A 105 -0.17 7.01 6.20
CA ASP A 105 -1.09 8.12 6.47
C ASP A 105 -0.36 9.44 6.35
N ALA A 106 -1.07 10.48 5.91
CA ALA A 106 -0.46 11.79 5.77
C ALA A 106 -1.48 12.84 6.09
N GLU A 107 -1.04 13.92 6.73
CA GLU A 107 -1.85 15.10 6.86
C GLU A 107 -1.58 16.00 5.67
N ILE A 108 -2.60 16.30 4.88
CA ILE A 108 -2.39 17.17 3.74
C ILE A 108 -2.02 18.53 4.25
N GLN A 109 -0.95 19.12 3.71
CA GLN A 109 -0.51 20.42 4.19
C GLN A 109 -0.82 21.53 3.18
N ARG A 110 -0.81 21.20 1.91
CA ARG A 110 -0.92 22.22 0.89
C ARG A 110 -1.23 21.56 -0.44
N LYS A 111 -2.08 22.16 -1.25
CA LYS A 111 -2.22 21.70 -2.62
C LYS A 111 -2.17 22.91 -3.52
N ARG A 112 -1.69 22.69 -4.74
CA ARG A 112 -1.64 23.78 -5.69
C ARG A 112 -1.65 23.25 -7.09
N GLU A 113 -2.01 24.10 -8.04
CA GLU A 113 -1.91 23.69 -9.42
C GLU A 113 -0.91 24.58 -10.13
N THR A 114 0.09 23.98 -10.78
CA THR A 114 1.06 24.70 -11.58
C THR A 114 0.67 24.66 -13.05
N ARG A 115 1.53 25.21 -13.90
CA ARG A 115 1.26 25.18 -15.33
C ARG A 115 1.43 23.76 -15.88
N THR A 116 2.07 22.90 -15.10
CA THR A 116 2.37 21.56 -15.58
C THR A 116 1.52 20.50 -14.89
N GLN A 117 1.18 20.70 -13.63
CA GLN A 117 0.48 19.63 -12.90
C GLN A 117 -0.16 20.06 -11.59
N ARG A 118 -1.00 19.17 -11.07
CA ARG A 118 -1.55 19.33 -9.74
C ARG A 118 -0.57 18.76 -8.73
N GLU A 119 -0.36 19.47 -7.63
CA GLU A 119 0.60 19.04 -6.61
C GLU A 119 -0.03 19.02 -5.23
N VAL A 120 0.35 18.02 -4.45
CA VAL A 120 -0.13 17.90 -3.08
C VAL A 120 1.06 17.68 -2.18
N PHE A 121 1.08 18.37 -1.05
CA PHE A 121 2.17 18.18 -0.09
C PHE A 121 1.60 17.80 1.24
N GLY A 122 2.29 16.93 1.95
CA GLY A 122 1.75 16.45 3.19
C GLY A 122 2.77 16.07 4.22
N LYS A 123 2.29 15.92 5.46
CA LYS A 123 3.09 15.50 6.59
C LYS A 123 2.96 13.98 6.67
N ILE A 124 4.04 13.25 6.41
CA ILE A 124 3.98 11.79 6.42
C ILE A 124 4.20 11.26 7.82
N LEU A 125 3.23 10.49 8.29
CA LEU A 125 3.32 9.87 9.59
C LEU A 125 4.08 8.54 9.50
N LEU A 126 5.17 8.41 10.25
CA LEU A 126 5.98 7.20 10.17
C LEU A 126 5.67 6.24 11.32
N GLY A 127 6.68 5.49 11.76
CA GLY A 127 6.48 4.45 12.76
C GLY A 127 6.27 5.02 14.15
N ASP A 128 5.90 4.15 15.09
CA ASP A 128 5.64 4.58 16.46
C ASP A 128 6.78 5.40 17.07
N ALA A 129 8.01 5.04 16.75
CA ALA A 129 9.17 5.76 17.29
C ALA A 129 9.74 6.73 16.26
N GLY A 130 9.25 6.64 15.03
CA GLY A 130 9.71 7.49 13.94
C GLY A 130 9.07 8.86 13.91
N ASP A 131 9.88 9.88 13.62
CA ASP A 131 9.37 11.24 13.54
C ASP A 131 8.56 11.40 12.27
N SER A 132 7.81 12.48 12.18
CA SER A 132 7.04 12.73 10.98
C SER A 132 7.93 13.43 9.95
N LEU A 133 7.54 13.32 8.69
CA LEU A 133 8.23 14.03 7.64
C LEU A 133 7.34 15.15 7.16
N ASN A 134 7.87 16.35 7.19
CA ASN A 134 7.11 17.51 6.82
C ASN A 134 7.24 17.82 5.33
N ASP A 135 6.19 18.38 4.76
CA ASP A 135 6.24 18.93 3.42
C ASP A 135 6.72 17.92 2.37
N CYS A 136 6.18 16.72 2.44
CA CYS A 136 6.52 15.67 1.49
C CYS A 136 5.69 15.84 0.24
N ARG A 137 6.33 15.84 -0.92
CA ARG A 137 5.55 15.96 -2.14
C ARG A 137 4.95 14.61 -2.50
N ILE A 138 3.62 14.54 -2.52
CA ILE A 138 2.97 13.28 -2.81
C ILE A 138 2.88 13.12 -4.32
N MET A 139 3.56 12.11 -4.88
CA MET A 139 3.74 12.07 -6.34
C MET A 139 2.55 11.48 -7.06
N PHE A 140 1.69 10.78 -6.31
CA PHE A 140 0.59 10.06 -6.91
C PHE A 140 -0.75 10.65 -6.46
N VAL A 141 -1.08 11.79 -7.05
CA VAL A 141 -2.18 12.58 -6.51
C VAL A 141 -3.54 12.04 -6.92
N THR A 142 -3.57 11.06 -7.82
CA THR A 142 -4.82 10.42 -8.21
C THR A 142 -5.00 9.08 -7.51
N GLU A 143 -4.15 8.84 -6.52
CA GLU A 143 -4.20 7.60 -5.75
C GLU A 143 -4.17 7.90 -4.27
N ILE A 144 -4.88 8.95 -3.87
CA ILE A 144 -4.95 9.26 -2.46
C ILE A 144 -6.24 8.68 -1.90
N TYR A 145 -6.11 7.80 -0.91
CA TYR A 145 -7.26 7.04 -0.41
C TYR A 145 -7.92 7.64 0.81
N LYS A 146 -9.22 7.40 0.91
CA LYS A 146 -9.94 7.66 2.14
C LYS A 146 -9.57 6.59 3.17
N ILE A 147 -9.26 7.02 4.39
CA ILE A 147 -9.05 6.08 5.49
C ILE A 147 -10.39 5.60 6.04
N GLU A 148 -10.56 4.29 6.04
CA GLU A 148 -11.81 3.69 6.51
C GLU A 148 -11.78 3.52 8.00
N GLU A 149 -12.95 3.66 8.61
CA GLU A 149 -13.14 3.33 10.01
C GLU A 149 -14.06 2.12 10.11
N PRO A 150 -13.91 1.33 11.16
CA PRO A 150 -14.87 0.25 11.48
C PRO A 150 -16.30 0.77 11.57
N SER B 1 7.49 -12.20 -0.34
CA SER B 1 7.69 -13.63 -0.60
C SER B 1 9.16 -14.00 -0.50
N LEU B 2 9.43 -15.25 -0.20
CA LEU B 2 10.80 -15.73 -0.11
C LEU B 2 11.43 -15.92 -1.46
N ILE B 3 12.74 -15.74 -1.50
CA ILE B 3 13.53 -15.92 -2.69
C ILE B 3 14.69 -16.86 -2.41
N ASP B 4 14.86 -17.88 -3.25
CA ASP B 4 15.88 -18.89 -3.03
C ASP B 4 17.22 -18.49 -3.67
N PRO B 5 18.25 -18.28 -2.84
CA PRO B 5 19.57 -17.90 -3.35
C PRO B 5 20.31 -19.06 -3.99
N GLY B 6 19.82 -20.27 -3.76
CA GLY B 6 20.34 -21.44 -4.45
C GLY B 6 21.26 -22.29 -3.59
N PHE B 7 21.51 -21.81 -2.37
CA PHE B 7 22.40 -22.51 -1.43
C PHE B 7 22.17 -21.96 -0.03
N GLY B 8 22.63 -22.68 0.98
CA GLY B 8 22.42 -22.26 2.36
C GLY B 8 21.05 -22.62 2.88
N PHE B 9 20.82 -22.32 4.17
CA PHE B 9 19.65 -22.80 4.90
C PHE B 9 18.45 -21.84 4.83
N TYR B 10 18.71 -20.59 4.49
CA TYR B 10 17.69 -19.54 4.61
C TYR B 10 17.46 -18.83 3.30
N LYS B 11 16.22 -18.46 3.04
CA LYS B 11 15.83 -17.76 1.82
C LYS B 11 15.98 -16.26 2.01
N ILE B 12 16.19 -15.55 0.91
CA ILE B 12 16.09 -14.10 0.94
C ILE B 12 14.68 -13.73 1.40
N ASN B 13 14.64 -12.78 2.34
CA ASN B 13 13.45 -12.26 3.02
C ASN B 13 12.97 -13.15 4.15
N GLU B 14 13.64 -14.27 4.40
CA GLU B 14 13.21 -15.14 5.49
C GLU B 14 13.49 -14.46 6.84
N PHE B 15 12.55 -14.59 7.76
CA PHE B 15 12.75 -14.04 9.09
C PHE B 15 13.33 -15.09 10.04
N VAL B 16 14.33 -14.67 10.81
CA VAL B 16 15.14 -15.54 11.62
C VAL B 16 15.45 -14.88 12.96
N ASP B 17 16.26 -15.55 13.77
CA ASP B 17 16.95 -14.90 14.90
C ASP B 17 18.41 -14.82 14.50
N ALA B 18 19.09 -13.76 14.91
CA ALA B 18 20.50 -13.59 14.56
C ALA B 18 21.23 -13.00 15.75
N ARG B 19 22.48 -13.42 15.96
CA ARG B 19 23.21 -12.93 17.11
C ARG B 19 23.70 -11.49 16.87
N ASP B 20 23.66 -10.70 17.93
CA ASP B 20 24.39 -9.42 17.97
C ASP B 20 25.84 -9.79 18.23
N LEU B 21 26.74 -9.44 17.32
CA LEU B 21 28.15 -9.69 17.53
C LEU B 21 28.71 -8.74 18.60
N ASN B 22 28.01 -7.63 18.84
CA ASN B 22 28.49 -6.62 19.78
C ASN B 22 27.88 -6.76 21.19
N MET B 23 27.25 -7.91 21.43
CA MET B 23 26.56 -8.15 22.69
C MET B 23 26.44 -9.64 23.04
N GLY B 24 26.19 -10.48 22.04
CA GLY B 24 26.11 -11.92 22.25
C GLY B 24 24.70 -12.47 22.32
N ALA B 25 23.73 -11.57 22.44
CA ALA B 25 22.32 -11.99 22.53
C ALA B 25 21.69 -12.10 21.14
N TRP B 26 20.46 -12.58 21.11
CA TRP B 26 19.77 -12.94 19.87
C TRP B 26 18.61 -12.01 19.56
N PHE B 27 18.50 -11.59 18.30
CA PHE B 27 17.56 -10.56 17.91
C PHE B 27 16.80 -10.97 16.69
N GLU B 28 15.52 -10.61 16.63
CA GLU B 28 14.72 -10.81 15.43
C GLU B 28 15.39 -10.18 14.22
N ALA B 29 15.59 -10.96 13.17
CA ALA B 29 16.30 -10.47 11.99
C ALA B 29 15.68 -11.02 10.70
N GLN B 30 16.14 -10.52 9.56
CA GLN B 30 15.62 -10.95 8.28
C GLN B 30 16.78 -11.10 7.32
N ILE B 31 16.76 -12.18 6.51
CA ILE B 31 17.81 -12.39 5.52
C ILE B 31 17.70 -11.37 4.39
N VAL B 32 18.80 -10.67 4.08
CA VAL B 32 18.83 -9.73 2.96
C VAL B 32 19.54 -10.32 1.73
N LYS B 33 20.65 -11.01 1.95
CA LYS B 33 21.53 -11.45 0.89
C LYS B 33 22.22 -12.70 1.37
N VAL B 34 22.58 -13.62 0.47
CA VAL B 34 23.42 -14.72 0.84
C VAL B 34 24.55 -14.88 -0.18
N THR B 35 25.78 -14.98 0.30
CA THR B 35 26.95 -15.09 -0.55
C THR B 35 27.89 -16.19 -0.08
N LYS B 36 28.94 -16.45 -0.86
CA LYS B 36 29.98 -17.36 -0.44
C LYS B 36 31.32 -16.64 -0.37
N THR B 37 32.19 -17.08 0.54
CA THR B 37 33.52 -16.49 0.66
C THR B 37 34.57 -17.60 0.62
N PRO B 38 35.72 -17.33 -0.03
CA PRO B 38 36.82 -18.31 -0.08
C PRO B 38 37.31 -18.71 1.33
N ALA B 39 37.59 -19.98 1.54
CA ALA B 39 38.09 -20.47 2.84
C ALA B 39 39.61 -20.47 2.89
N GLY B 42 41.95 -23.19 3.77
CA GLY B 42 41.74 -23.40 2.34
C GLY B 42 41.02 -24.69 2.03
N GLY B 43 39.76 -24.58 1.59
CA GLY B 43 38.95 -25.73 1.24
C GLY B 43 37.52 -25.37 0.82
N PRO B 44 36.53 -25.86 1.58
CA PRO B 44 35.11 -25.61 1.24
C PRO B 44 34.70 -24.15 1.41
N GLU B 45 34.12 -23.57 0.37
CA GLU B 45 33.59 -22.21 0.45
C GLU B 45 32.61 -22.08 1.60
N GLU B 46 32.68 -20.96 2.31
CA GLU B 46 31.81 -20.77 3.45
C GLU B 46 30.71 -19.78 3.12
N ILE B 47 29.52 -20.07 3.62
CA ILE B 47 28.35 -19.25 3.38
C ILE B 47 28.34 -18.03 4.27
N VAL B 48 28.01 -16.88 3.71
CA VAL B 48 27.80 -15.68 4.51
C VAL B 48 26.34 -15.25 4.41
N TYR B 49 25.66 -15.16 5.55
CA TYR B 49 24.29 -14.67 5.61
C TYR B 49 24.29 -13.18 5.95
N HIS B 50 23.78 -12.36 5.06
CA HIS B 50 23.67 -10.91 5.32
C HIS B 50 22.29 -10.63 5.87
N VAL B 51 22.23 -10.10 7.10
CA VAL B 51 20.92 -9.92 7.75
C VAL B 51 20.70 -8.47 8.14
N LYS B 52 19.45 -8.09 8.33
CA LYS B 52 19.16 -6.84 9.01
C LYS B 52 18.31 -7.17 10.22
N TYR B 53 18.43 -6.35 11.26
CA TYR B 53 17.68 -6.60 12.48
C TYR B 53 16.37 -5.82 12.48
N GLU B 54 15.26 -6.49 12.77
CA GLU B 54 13.95 -5.85 12.65
C GLU B 54 13.84 -4.53 13.35
N ASP B 55 14.31 -4.51 14.58
CA ASP B 55 14.09 -3.35 15.42
C ASP B 55 15.29 -2.40 15.47
N TYR B 56 16.34 -2.69 14.70
CA TYR B 56 17.57 -1.87 14.66
C TYR B 56 18.01 -1.55 13.26
N PRO B 57 17.18 -0.81 12.51
CA PRO B 57 17.49 -0.44 11.14
C PRO B 57 18.77 0.36 11.06
N GLU B 58 19.09 1.07 12.16
CA GLU B 58 20.29 1.91 12.18
C GLU B 58 21.56 1.07 12.10
N ASN B 59 21.47 -0.23 12.37
CA ASN B 59 22.66 -1.07 12.28
C ASN B 59 22.86 -1.70 10.93
N GLY B 60 21.96 -1.39 9.99
CA GLY B 60 22.12 -1.77 8.59
C GLY B 60 22.19 -3.27 8.39
N VAL B 61 22.94 -3.66 7.36
CA VAL B 61 23.05 -5.06 6.98
C VAL B 61 24.37 -5.56 7.55
N VAL B 62 24.32 -6.72 8.20
CA VAL B 62 25.49 -7.27 8.87
C VAL B 62 25.77 -8.66 8.32
N GLN B 63 27.05 -8.97 8.08
CA GLN B 63 27.47 -10.31 7.63
C GLN B 63 27.69 -11.28 8.78
N LEU B 64 26.99 -12.42 8.74
CA LEU B 64 27.05 -13.45 9.78
C LEU B 64 27.36 -14.81 9.19
N ARG B 65 28.01 -15.68 9.95
CA ARG B 65 28.17 -17.06 9.53
C ARG B 65 26.97 -17.87 10.03
N GLY B 66 26.84 -19.12 9.59
CA GLY B 66 25.66 -19.91 9.92
C GLY B 66 25.43 -20.10 11.41
N LYS B 67 26.53 -20.16 12.18
CA LYS B 67 26.40 -20.35 13.62
C LYS B 67 25.68 -19.20 14.32
N ASP B 68 25.61 -18.04 13.68
CA ASP B 68 25.03 -16.87 14.30
C ASP B 68 23.64 -16.57 13.74
N VAL B 69 23.07 -17.53 13.02
CA VAL B 69 21.72 -17.43 12.48
C VAL B 69 20.96 -18.73 12.78
N ARG B 70 19.69 -18.60 13.17
CA ARG B 70 18.87 -19.78 13.36
C ARG B 70 17.40 -19.43 13.21
N PRO B 71 16.53 -20.45 12.99
CA PRO B 71 15.11 -20.13 12.88
C PRO B 71 14.62 -19.44 14.14
N ARG B 72 13.67 -18.55 13.98
CA ARG B 72 13.21 -17.77 15.11
C ARG B 72 12.60 -18.60 16.24
N ALA B 73 12.93 -18.22 17.49
CA ALA B 73 12.35 -18.89 18.65
C ALA B 73 10.82 -18.76 18.65
N ARG B 74 10.12 -19.83 19.03
CA ARG B 74 8.66 -19.80 19.00
C ARG B 74 8.01 -20.59 20.13
N THR B 75 8.75 -21.47 20.78
CA THR B 75 8.16 -22.39 21.76
C THR B 75 8.73 -22.20 23.18
N VAL B 76 7.86 -21.95 24.17
CA VAL B 76 8.31 -21.84 25.55
C VAL B 76 8.28 -23.20 26.23
N TYR B 77 9.26 -23.45 27.10
CA TYR B 77 9.21 -24.61 27.98
C TYR B 77 8.29 -24.46 29.15
N GLN B 78 7.56 -25.54 29.44
CA GLN B 78 6.91 -25.69 30.72
C GLN B 78 7.99 -26.00 31.75
N TRP B 79 7.72 -25.62 32.99
CA TRP B 79 8.62 -25.89 34.12
C TRP B 79 9.10 -27.34 34.17
N ARG B 80 8.16 -28.27 34.00
CA ARG B 80 8.48 -29.69 34.10
C ARG B 80 9.43 -30.12 32.99
N GLN B 81 9.64 -29.28 31.99
CA GLN B 81 10.49 -29.65 30.87
C GLN B 81 11.93 -29.19 31.08
N LEU B 82 12.15 -28.37 32.10
CA LEU B 82 13.47 -27.79 32.29
C LEU B 82 14.32 -28.74 33.12
N GLU B 83 15.52 -29.03 32.64
CA GLU B 83 16.44 -29.96 33.30
C GLU B 83 17.87 -29.48 33.12
N PRO B 84 18.71 -29.68 34.14
CA PRO B 84 20.14 -29.34 34.03
C PRO B 84 20.78 -29.91 32.77
N GLY B 85 21.63 -29.13 32.11
CA GLY B 85 22.29 -29.59 30.91
C GLY B 85 21.66 -29.06 29.64
N MET B 86 20.40 -28.66 29.71
CA MET B 86 19.74 -28.14 28.53
C MET B 86 20.26 -26.74 28.17
N ILE B 87 20.43 -26.53 26.87
CA ILE B 87 20.77 -25.22 26.32
C ILE B 87 19.51 -24.57 25.78
N VAL B 88 19.15 -23.45 26.38
CA VAL B 88 17.88 -22.80 26.12
C VAL B 88 18.11 -21.31 25.94
N MET B 89 17.09 -20.58 25.52
CA MET B 89 17.25 -19.13 25.36
C MET B 89 16.48 -18.39 26.43
N VAL B 90 17.16 -17.51 27.15
CA VAL B 90 16.57 -16.84 28.31
C VAL B 90 16.70 -15.34 28.23
N ASN B 91 15.88 -14.63 28.99
CA ASN B 91 16.05 -13.19 29.06
C ASN B 91 16.89 -12.84 30.28
N TYR B 92 17.96 -12.10 30.05
CA TYR B 92 18.90 -11.82 31.12
C TYR B 92 19.58 -10.47 30.90
N ASN B 93 19.90 -9.80 32.00
CA ASN B 93 20.58 -8.51 31.94
C ASN B 93 21.86 -8.60 32.75
N PRO B 94 23.00 -8.73 32.06
CA PRO B 94 24.32 -8.82 32.70
C PRO B 94 24.65 -7.61 33.59
N ASP B 95 24.12 -6.44 33.28
CA ASP B 95 24.48 -5.22 34.00
C ASP B 95 23.59 -4.99 35.23
N ASP B 96 22.31 -5.30 35.10
CA ASP B 96 21.35 -5.23 36.20
C ASP B 96 20.64 -6.56 36.30
N PRO B 97 21.29 -7.56 36.93
CA PRO B 97 20.86 -8.96 36.83
C PRO B 97 19.45 -9.27 37.33
N LYS B 98 18.86 -8.39 38.13
CA LYS B 98 17.47 -8.62 38.54
C LYS B 98 16.46 -8.13 37.50
N GLU B 99 16.93 -7.41 36.49
CA GLU B 99 16.01 -6.71 35.58
C GLU B 99 15.94 -7.37 34.21
N ARG B 100 14.93 -7.00 33.44
CA ARG B 100 14.83 -7.48 32.06
C ARG B 100 16.03 -7.00 31.27
N GLY B 101 16.49 -7.84 30.34
CA GLY B 101 17.59 -7.46 29.46
C GLY B 101 17.31 -7.90 28.04
N TYR B 102 18.16 -8.77 27.52
CA TYR B 102 18.00 -9.28 26.18
C TYR B 102 18.12 -10.80 26.17
N TRP B 103 18.05 -11.41 24.99
CA TRP B 103 17.89 -12.87 24.93
C TRP B 103 19.18 -13.60 24.65
N TYR B 104 19.63 -14.32 25.67
CA TYR B 104 20.89 -15.03 25.62
C TYR B 104 20.66 -16.53 25.70
N ASP B 105 21.55 -17.29 25.06
CA ASP B 105 21.58 -18.72 25.29
C ASP B 105 22.11 -19.01 26.69
N ALA B 106 21.61 -20.08 27.29
CA ALA B 106 22.04 -20.44 28.63
C ALA B 106 22.06 -21.95 28.81
N GLU B 107 23.05 -22.42 29.55
CA GLU B 107 23.06 -23.81 29.95
C GLU B 107 22.44 -23.87 31.33
N ILE B 108 21.31 -24.55 31.43
CA ILE B 108 20.65 -24.71 32.72
C ILE B 108 21.54 -25.53 33.65
N GLN B 109 21.75 -25.02 34.86
CA GLN B 109 22.62 -25.73 35.81
C GLN B 109 21.86 -26.35 36.97
N ARG B 110 20.92 -25.59 37.54
CA ARG B 110 20.13 -26.02 38.70
C ARG B 110 18.72 -25.46 38.59
N LYS B 111 17.72 -26.19 39.07
CA LYS B 111 16.40 -25.56 39.29
C LYS B 111 15.84 -26.04 40.60
N ARG B 112 15.01 -25.20 41.22
CA ARG B 112 14.43 -25.51 42.52
C ARG B 112 13.26 -24.62 42.80
N GLU B 113 12.46 -25.00 43.78
CA GLU B 113 11.39 -24.14 44.27
C GLU B 113 11.78 -23.65 45.65
N THR B 114 11.95 -22.34 45.80
CA THR B 114 12.29 -21.69 47.06
C THR B 114 11.13 -20.86 47.62
N ARG B 115 10.59 -21.25 48.78
CA ARG B 115 9.50 -20.54 49.44
C ARG B 115 8.42 -20.13 48.43
N THR B 116 8.00 -21.15 47.68
CA THR B 116 6.97 -21.17 46.66
C THR B 116 7.39 -20.54 45.34
N GLN B 117 8.60 -19.98 45.28
CA GLN B 117 9.07 -19.38 44.04
C GLN B 117 9.95 -20.31 43.22
N ARG B 118 9.52 -20.64 42.00
CA ARG B 118 10.37 -21.37 41.05
C ARG B 118 11.62 -20.57 40.68
N GLU B 119 12.78 -21.22 40.76
CA GLU B 119 14.05 -20.56 40.47
C GLU B 119 14.91 -21.39 39.55
N VAL B 120 15.62 -20.73 38.65
CA VAL B 120 16.48 -21.39 37.67
C VAL B 120 17.81 -20.66 37.62
N PHE B 121 18.89 -21.42 37.63
CA PHE B 121 20.23 -20.84 37.57
C PHE B 121 20.96 -21.46 36.41
N GLY B 122 21.83 -20.70 35.76
CA GLY B 122 22.54 -21.27 34.63
C GLY B 122 23.73 -20.46 34.14
N LYS B 123 24.46 -21.04 33.20
CA LYS B 123 25.60 -20.38 32.63
C LYS B 123 25.16 -19.61 31.38
N ILE B 124 25.32 -18.30 31.41
CA ILE B 124 24.92 -17.44 30.28
C ILE B 124 25.98 -17.51 29.20
N LEU B 125 25.57 -17.72 27.95
CA LEU B 125 26.55 -17.84 26.86
C LEU B 125 26.52 -16.62 25.95
N LEU B 126 27.69 -16.16 25.54
CA LEU B 126 27.77 -14.97 24.71
C LEU B 126 28.26 -15.29 23.30
N GLY B 127 28.50 -16.56 23.02
CA GLY B 127 29.05 -16.96 21.76
C GLY B 127 30.53 -16.60 21.75
N ASP B 128 30.94 -15.75 20.82
CA ASP B 128 32.30 -15.24 20.84
C ASP B 128 32.32 -13.74 21.07
N ALA B 129 31.23 -13.20 21.61
CA ALA B 129 31.16 -11.79 21.96
C ALA B 129 31.80 -11.53 23.32
N GLY B 130 32.16 -12.62 24.00
CA GLY B 130 32.75 -12.52 25.33
C GLY B 130 32.67 -13.82 26.09
N ASP B 131 33.25 -13.85 27.28
CA ASP B 131 33.25 -15.05 28.11
C ASP B 131 31.87 -15.34 28.67
N SER B 132 31.64 -16.59 29.01
CA SER B 132 30.40 -17.01 29.65
C SER B 132 30.30 -16.44 31.06
N LEU B 133 29.07 -16.29 31.54
CA LEU B 133 28.80 -15.79 32.87
C LEU B 133 28.23 -16.95 33.68
N ASN B 134 28.97 -17.38 34.68
CA ASN B 134 28.60 -18.56 35.43
C ASN B 134 27.62 -18.27 36.56
N ASP B 135 26.81 -19.27 36.91
CA ASP B 135 25.89 -19.22 38.04
C ASP B 135 25.02 -17.95 38.04
N CYS B 136 24.30 -17.74 36.95
CA CYS B 136 23.39 -16.61 36.84
C CYS B 136 22.00 -17.05 37.21
N ARG B 137 21.28 -16.21 37.95
CA ARG B 137 19.91 -16.52 38.22
C ARG B 137 19.05 -16.00 37.07
N ILE B 138 18.28 -16.89 36.46
CA ILE B 138 17.39 -16.48 35.39
C ILE B 138 16.07 -15.99 35.99
N MET B 139 15.78 -14.71 35.83
CA MET B 139 14.67 -14.11 36.59
C MET B 139 13.30 -14.35 35.96
N PHE B 140 13.28 -14.74 34.70
CA PHE B 140 12.03 -14.79 33.94
C PHE B 140 11.75 -16.24 33.53
N VAL B 141 11.30 -17.03 34.51
CA VAL B 141 11.31 -18.49 34.35
C VAL B 141 10.12 -18.98 33.56
N THR B 142 9.17 -18.11 33.27
CA THR B 142 8.02 -18.50 32.47
C THR B 142 8.21 -18.17 31.00
N GLU B 143 9.38 -17.64 30.66
CA GLU B 143 9.67 -17.21 29.29
C GLU B 143 11.00 -17.78 28.79
N ILE B 144 11.20 -19.07 29.04
CA ILE B 144 12.42 -19.76 28.59
C ILE B 144 12.13 -20.53 27.33
N TYR B 145 12.88 -20.24 26.29
CA TYR B 145 12.56 -20.69 24.94
C TYR B 145 13.42 -21.83 24.43
N LYS B 146 12.78 -22.69 23.64
CA LYS B 146 13.48 -23.71 22.86
C LYS B 146 14.29 -23.07 21.76
N ILE B 147 15.51 -23.55 21.61
CA ILE B 147 16.35 -23.13 20.52
C ILE B 147 16.08 -23.98 19.28
N GLU B 148 15.72 -23.31 18.19
CA GLU B 148 15.49 -24.01 16.92
C GLU B 148 16.75 -24.25 16.10
N GLU B 149 16.68 -25.24 15.22
CA GLU B 149 17.76 -25.54 14.28
C GLU B 149 17.29 -25.45 12.84
N PRO B 150 18.23 -25.19 11.92
CA PRO B 150 17.96 -25.28 10.48
C PRO B 150 17.70 -26.72 10.00
N LEU C 2 -32.01 26.35 -43.14
CA LEU C 2 -32.27 25.26 -42.20
C LEU C 2 -33.48 25.56 -41.31
N ILE C 3 -34.40 24.60 -41.25
CA ILE C 3 -35.65 24.75 -40.51
C ILE C 3 -35.46 24.67 -38.99
N ASP C 4 -36.06 25.62 -38.27
CA ASP C 4 -36.00 25.65 -36.82
C ASP C 4 -37.19 24.91 -36.23
N PRO C 5 -36.93 23.83 -35.48
CA PRO C 5 -38.00 23.02 -34.91
C PRO C 5 -38.81 23.77 -33.86
N GLY C 6 -38.28 24.90 -33.38
CA GLY C 6 -39.04 25.77 -32.49
C GLY C 6 -38.54 25.77 -31.05
N PHE C 7 -37.63 24.86 -30.76
CA PHE C 7 -37.07 24.69 -29.42
C PHE C 7 -35.76 23.92 -29.54
N GLY C 8 -34.97 23.90 -28.46
CA GLY C 8 -33.69 23.20 -28.48
C GLY C 8 -32.63 24.05 -29.14
N PHE C 9 -31.42 23.53 -29.25
CA PHE C 9 -30.30 24.34 -29.71
C PHE C 9 -29.92 24.20 -31.18
N TYR C 10 -30.47 23.23 -31.92
CA TYR C 10 -30.01 23.01 -33.30
C TYR C 10 -31.14 23.13 -34.30
N LYS C 11 -30.78 23.35 -35.56
CA LYS C 11 -31.75 23.38 -36.63
C LYS C 11 -31.76 22.03 -37.35
N ILE C 12 -32.83 21.72 -38.07
CA ILE C 12 -32.86 20.51 -38.88
C ILE C 12 -31.79 20.59 -39.97
N ASN C 13 -31.02 19.51 -40.10
CA ASN C 13 -29.93 19.37 -41.08
C ASN C 13 -28.65 20.06 -40.64
N GLU C 14 -28.67 20.67 -39.47
CA GLU C 14 -27.45 21.19 -38.86
C GLU C 14 -26.47 20.07 -38.51
N PHE C 15 -25.19 20.32 -38.77
CA PHE C 15 -24.12 19.38 -38.45
C PHE C 15 -23.62 19.63 -37.03
N VAL C 16 -23.43 18.54 -36.28
CA VAL C 16 -23.11 18.56 -34.87
C VAL C 16 -22.11 17.44 -34.56
N ASP C 17 -21.54 17.43 -33.35
CA ASP C 17 -20.80 16.27 -32.85
C ASP C 17 -21.73 15.53 -31.93
N ALA C 18 -21.83 14.21 -32.08
CA ALA C 18 -22.77 13.43 -31.29
C ALA C 18 -22.02 12.29 -30.63
N ARG C 19 -22.34 12.04 -29.37
CA ARG C 19 -21.74 10.93 -28.64
C ARG C 19 -22.30 9.56 -29.06
N ASP C 20 -21.42 8.56 -29.18
CA ASP C 20 -21.85 7.19 -29.36
C ASP C 20 -22.13 6.60 -27.97
N LEU C 21 -23.36 6.16 -27.75
CA LEU C 21 -23.83 5.77 -26.44
C LEU C 21 -23.29 4.40 -26.05
N ASN C 22 -22.72 3.70 -27.03
CA ASN C 22 -22.21 2.37 -26.74
C ASN C 22 -20.72 2.32 -26.45
N MET C 23 -19.94 3.27 -26.94
CA MET C 23 -18.52 3.24 -26.58
C MET C 23 -17.95 4.59 -26.15
N GLY C 24 -18.79 5.63 -26.14
CA GLY C 24 -18.46 6.85 -25.40
C GLY C 24 -17.70 7.94 -26.15
N ALA C 25 -17.33 7.68 -27.40
CA ALA C 25 -16.58 8.64 -28.21
C ALA C 25 -17.53 9.56 -28.98
N TRP C 26 -16.97 10.62 -29.55
CA TRP C 26 -17.73 11.64 -30.27
C TRP C 26 -17.55 11.57 -31.77
N PHE C 27 -18.64 11.77 -32.51
CA PHE C 27 -18.65 11.58 -33.97
C PHE C 27 -19.41 12.67 -34.71
N GLU C 28 -18.99 12.97 -35.93
CA GLU C 28 -19.70 13.93 -36.77
C GLU C 28 -21.08 13.40 -37.08
N ALA C 29 -22.08 14.24 -36.88
CA ALA C 29 -23.47 13.81 -37.07
C ALA C 29 -24.28 14.94 -37.67
N GLN C 30 -25.52 14.62 -38.04
CA GLN C 30 -26.44 15.62 -38.56
C GLN C 30 -27.78 15.52 -37.86
N ILE C 31 -28.34 16.66 -37.47
CA ILE C 31 -29.68 16.67 -36.89
C ILE C 31 -30.75 16.38 -37.95
N VAL C 32 -31.61 15.39 -37.73
CA VAL C 32 -32.65 15.12 -38.72
C VAL C 32 -34.06 15.37 -38.19
N LYS C 33 -34.20 15.37 -36.86
CA LYS C 33 -35.51 15.51 -36.23
C LYS C 33 -35.28 15.95 -34.79
N VAL C 34 -36.18 16.79 -34.27
CA VAL C 34 -36.11 17.21 -32.88
C VAL C 34 -37.48 17.13 -32.25
N THR C 35 -37.58 16.39 -31.16
CA THR C 35 -38.87 16.18 -30.51
C THR C 35 -38.76 16.34 -29.00
N LYS C 36 -39.87 16.12 -28.31
CA LYS C 36 -39.87 16.00 -26.85
C LYS C 36 -40.28 14.58 -26.43
N THR C 37 -39.72 14.11 -25.32
CA THR C 37 -40.12 12.83 -24.74
C THR C 37 -41.61 12.87 -24.41
N PRO C 38 -42.31 11.76 -24.65
CA PRO C 38 -43.75 11.71 -24.32
C PRO C 38 -43.96 11.84 -22.82
N ALA C 39 -45.01 12.54 -22.42
CA ALA C 39 -45.28 12.76 -21.01
C ALA C 39 -46.13 11.64 -20.41
N GLU C 40 -46.58 10.70 -21.25
CA GLU C 40 -47.56 9.70 -20.84
C GLU C 40 -47.12 8.82 -19.67
N ASP C 41 -45.83 8.48 -19.60
CA ASP C 41 -45.34 7.52 -18.61
C ASP C 41 -44.82 8.16 -17.32
N GLY C 42 -44.91 9.48 -17.23
CA GLY C 42 -44.52 10.18 -16.01
C GLY C 42 -43.34 11.13 -16.17
N GLY C 43 -42.92 11.37 -17.39
CA GLY C 43 -41.86 12.34 -17.67
C GLY C 43 -40.49 11.85 -17.24
N PRO C 44 -39.54 12.79 -17.07
CA PRO C 44 -39.73 14.23 -17.30
C PRO C 44 -39.62 14.61 -18.76
N GLU C 45 -40.24 15.71 -19.14
CA GLU C 45 -40.14 16.19 -20.51
C GLU C 45 -38.72 16.63 -20.86
N GLU C 46 -38.11 15.92 -21.80
CA GLU C 46 -36.76 16.23 -22.28
C GLU C 46 -36.77 16.44 -23.78
N ILE C 47 -35.90 17.34 -24.27
CA ILE C 47 -35.70 17.46 -25.69
C ILE C 47 -34.88 16.28 -26.23
N VAL C 48 -35.38 15.69 -27.32
CA VAL C 48 -34.71 14.57 -27.99
C VAL C 48 -34.15 15.02 -29.33
N TYR C 49 -32.83 14.88 -29.51
CA TYR C 49 -32.22 15.17 -30.80
C TYR C 49 -32.01 13.90 -31.61
N HIS C 50 -32.68 13.80 -32.75
CA HIS C 50 -32.53 12.63 -33.62
C HIS C 50 -31.39 12.89 -34.60
N VAL C 51 -30.32 12.11 -34.54
CA VAL C 51 -29.20 12.33 -35.43
C VAL C 51 -28.91 11.13 -36.29
N LYS C 52 -28.28 11.38 -37.43
CA LYS C 52 -27.64 10.29 -38.16
C LYS C 52 -26.15 10.60 -38.19
N TYR C 53 -25.32 9.56 -38.06
CA TYR C 53 -23.88 9.78 -37.97
C TYR C 53 -23.27 9.74 -39.37
N GLU C 54 -22.48 10.76 -39.70
CA GLU C 54 -22.02 10.93 -41.08
C GLU C 54 -21.34 9.70 -41.68
N ASP C 55 -20.47 9.07 -40.90
CA ASP C 55 -19.64 8.01 -41.45
C ASP C 55 -20.20 6.63 -41.11
N TYR C 56 -21.34 6.61 -40.45
CA TYR C 56 -21.95 5.36 -40.01
C TYR C 56 -23.45 5.32 -40.29
N PRO C 57 -23.83 5.40 -41.57
CA PRO C 57 -25.26 5.41 -41.91
C PRO C 57 -25.95 4.12 -41.43
N GLU C 58 -25.18 3.05 -41.29
CA GLU C 58 -25.74 1.77 -40.87
C GLU C 58 -26.28 1.80 -39.45
N ASN C 59 -25.93 2.83 -38.69
CA ASN C 59 -26.42 2.95 -37.33
C ASN C 59 -27.80 3.58 -37.31
N GLY C 60 -28.25 4.01 -38.49
CA GLY C 60 -29.56 4.60 -38.66
C GLY C 60 -29.66 5.93 -37.93
N VAL C 61 -30.90 6.30 -37.59
CA VAL C 61 -31.18 7.50 -36.83
C VAL C 61 -31.18 7.17 -35.36
N VAL C 62 -30.41 7.93 -34.58
CA VAL C 62 -30.29 7.65 -33.18
C VAL C 62 -30.82 8.79 -32.33
N GLN C 63 -31.62 8.46 -31.31
CA GLN C 63 -32.19 9.49 -30.42
C GLN C 63 -31.25 9.80 -29.26
N LEU C 64 -30.88 11.07 -29.15
CA LEU C 64 -29.91 11.51 -28.15
C LEU C 64 -30.50 12.61 -27.30
N ARG C 65 -30.02 12.72 -26.06
CA ARG C 65 -30.37 13.84 -25.19
C ARG C 65 -29.37 14.94 -25.42
N GLY C 66 -29.71 16.15 -24.95
CA GLY C 66 -28.83 17.29 -25.11
C GLY C 66 -27.38 17.07 -24.69
N LYS C 67 -27.17 16.35 -23.59
CA LYS C 67 -25.81 16.14 -23.10
C LYS C 67 -24.97 15.31 -24.07
N ASP C 68 -25.64 14.67 -25.02
CA ASP C 68 -24.95 13.80 -25.98
C ASP C 68 -24.79 14.46 -27.35
N VAL C 69 -25.09 15.76 -27.43
CA VAL C 69 -24.95 16.51 -28.68
C VAL C 69 -24.28 17.83 -28.39
N ARG C 70 -23.38 18.27 -29.26
CA ARG C 70 -22.82 19.61 -29.16
C ARG C 70 -22.35 20.12 -30.52
N PRO C 71 -22.08 21.44 -30.64
CA PRO C 71 -21.57 21.93 -31.93
C PRO C 71 -20.24 21.28 -32.30
N ARG C 72 -20.01 21.15 -33.61
CA ARG C 72 -18.80 20.54 -34.13
C ARG C 72 -17.55 21.20 -33.57
N ALA C 73 -16.60 20.39 -33.11
CA ALA C 73 -15.31 20.90 -32.68
C ALA C 73 -14.68 21.70 -33.82
N ARG C 74 -14.09 22.84 -33.49
CA ARG C 74 -13.53 23.74 -34.50
C ARG C 74 -12.13 24.19 -34.16
N THR C 75 -11.85 24.30 -32.87
CA THR C 75 -10.66 24.97 -32.35
C THR C 75 -9.70 24.03 -31.65
N VAL C 76 -8.44 24.04 -32.09
CA VAL C 76 -7.40 23.29 -31.44
C VAL C 76 -6.65 24.22 -30.48
N TYR C 77 -6.32 23.72 -29.30
CA TYR C 77 -5.56 24.47 -28.30
C TYR C 77 -4.09 24.55 -28.69
N GLN C 78 -3.49 25.71 -28.47
CA GLN C 78 -2.04 25.80 -28.58
C GLN C 78 -1.47 25.21 -27.27
N TRP C 79 -0.19 24.81 -27.32
CA TRP C 79 0.45 24.22 -26.17
C TRP C 79 0.28 25.07 -24.92
N ARG C 80 0.49 26.37 -25.09
CA ARG C 80 0.42 27.34 -24.01
C ARG C 80 -0.94 27.37 -23.31
N GLN C 81 -1.98 26.96 -24.04
CA GLN C 81 -3.35 27.04 -23.56
C GLN C 81 -3.82 25.80 -22.80
N LEU C 82 -3.02 24.73 -22.82
CA LEU C 82 -3.34 23.49 -22.14
C LEU C 82 -2.97 23.54 -20.66
N GLU C 83 -3.95 23.36 -19.79
CA GLU C 83 -3.69 23.46 -18.36
C GLU C 83 -4.34 22.31 -17.59
N PRO C 84 -3.74 21.91 -16.47
CA PRO C 84 -4.38 20.84 -15.71
C PRO C 84 -5.78 21.22 -15.30
N GLY C 85 -6.68 20.25 -15.43
CA GLY C 85 -8.05 20.38 -15.01
C GLY C 85 -8.97 20.68 -16.16
N MET C 86 -8.41 21.15 -17.28
CA MET C 86 -9.25 21.42 -18.46
C MET C 86 -9.90 20.15 -19.00
N ILE C 87 -11.18 20.25 -19.35
CA ILE C 87 -11.88 19.17 -20.03
C ILE C 87 -11.86 19.49 -21.54
N VAL C 88 -11.23 18.60 -22.29
CA VAL C 88 -10.96 18.84 -23.70
C VAL C 88 -11.31 17.60 -24.50
N MET C 89 -11.29 17.69 -25.83
CA MET C 89 -11.51 16.49 -26.65
C MET C 89 -10.21 16.04 -27.30
N VAL C 90 -9.88 14.76 -27.13
CA VAL C 90 -8.60 14.24 -27.61
C VAL C 90 -8.82 13.03 -28.49
N ASN C 91 -7.81 12.64 -29.26
CA ASN C 91 -7.89 11.37 -29.93
C ASN C 91 -7.12 10.29 -29.15
N TYR C 92 -7.81 9.20 -28.87
CA TYR C 92 -7.29 8.16 -27.98
C TYR C 92 -7.87 6.82 -28.33
N ASN C 93 -7.05 5.78 -28.18
CA ASN C 93 -7.43 4.41 -28.49
C ASN C 93 -7.33 3.54 -27.25
N PRO C 94 -8.47 3.26 -26.58
CA PRO C 94 -8.42 2.44 -25.36
C PRO C 94 -7.78 1.06 -25.57
N ASP C 95 -7.98 0.47 -26.76
CA ASP C 95 -7.50 -0.90 -27.02
C ASP C 95 -6.01 -0.95 -27.36
N ASP C 96 -5.55 0.14 -27.97
CA ASP C 96 -4.20 0.25 -28.49
C ASP C 96 -3.66 1.63 -28.17
N PRO C 97 -3.32 1.88 -26.91
CA PRO C 97 -3.21 3.29 -26.45
C PRO C 97 -2.10 4.11 -27.12
N LYS C 98 -1.18 3.49 -27.82
CA LYS C 98 -0.16 4.28 -28.51
C LYS C 98 -0.65 4.71 -29.89
N GLU C 99 -1.82 4.23 -30.28
CA GLU C 99 -2.28 4.42 -31.66
C GLU C 99 -3.43 5.40 -31.81
N ARG C 100 -3.67 5.78 -33.06
CA ARG C 100 -4.84 6.56 -33.42
C ARG C 100 -6.11 5.81 -33.02
N GLY C 101 -7.07 6.53 -32.44
CA GLY C 101 -8.32 5.93 -32.03
C GLY C 101 -9.50 6.81 -32.35
N TYR C 102 -10.28 7.11 -31.32
CA TYR C 102 -11.52 7.86 -31.48
C TYR C 102 -11.44 9.13 -30.67
N TRP C 103 -12.44 10.00 -30.81
CA TRP C 103 -12.40 11.28 -30.11
C TRP C 103 -13.15 11.17 -28.77
N TYR C 104 -12.38 11.24 -27.68
CA TYR C 104 -12.92 11.15 -26.33
C TYR C 104 -12.69 12.44 -25.61
N ASP C 105 -13.59 12.76 -24.69
CA ASP C 105 -13.31 13.84 -23.77
C ASP C 105 -12.26 13.38 -22.77
N ALA C 106 -11.48 14.32 -22.27
CA ALA C 106 -10.42 13.97 -21.32
C ALA C 106 -10.22 15.11 -20.36
N GLU C 107 -9.83 14.80 -19.14
CA GLU C 107 -9.39 15.84 -18.23
C GLU C 107 -7.86 15.90 -18.28
N ILE C 108 -7.30 17.04 -18.66
CA ILE C 108 -5.85 17.18 -18.64
C ILE C 108 -5.35 17.07 -17.21
N GLN C 109 -4.34 16.22 -16.98
CA GLN C 109 -3.80 16.09 -15.64
C GLN C 109 -2.38 16.60 -15.52
N ARG C 110 -1.58 16.34 -16.53
CA ARG C 110 -0.23 16.88 -16.46
C ARG C 110 0.34 17.05 -17.85
N LYS C 111 1.26 17.99 -17.99
CA LYS C 111 1.91 18.15 -19.25
C LYS C 111 3.35 18.49 -19.00
N ARG C 112 4.21 18.17 -19.94
CA ARG C 112 5.62 18.36 -19.71
C ARG C 112 6.38 18.38 -21.02
N GLU C 113 7.51 19.09 -21.02
CA GLU C 113 8.44 18.98 -22.12
C GLU C 113 9.58 18.12 -21.64
N THR C 114 9.84 17.03 -22.36
CA THR C 114 11.04 16.21 -22.14
C THR C 114 12.10 16.68 -23.14
N ARG C 115 13.30 16.12 -23.06
CA ARG C 115 14.31 16.47 -24.04
C ARG C 115 13.90 15.96 -25.42
N THR C 116 13.01 14.99 -25.44
CA THR C 116 12.55 14.41 -26.69
C THR C 116 11.27 15.06 -27.24
N GLN C 117 10.33 15.42 -26.37
CA GLN C 117 8.99 15.79 -26.84
C GLN C 117 8.10 16.48 -25.81
N ARG C 118 7.13 17.23 -26.31
CA ARG C 118 6.05 17.76 -25.47
C ARG C 118 5.06 16.64 -25.22
N GLU C 119 4.67 16.46 -23.96
CA GLU C 119 3.82 15.33 -23.59
C GLU C 119 2.65 15.75 -22.73
N VAL C 120 1.50 15.12 -22.95
CA VAL C 120 0.29 15.43 -22.18
C VAL C 120 -0.32 14.14 -21.64
N PHE C 121 -0.69 14.15 -20.36
CA PHE C 121 -1.37 13.00 -19.75
C PHE C 121 -2.71 13.46 -19.18
N GLY C 122 -3.69 12.57 -19.18
CA GLY C 122 -4.98 12.96 -18.67
C GLY C 122 -5.88 11.79 -18.39
N LYS C 123 -7.07 12.11 -17.88
CA LYS C 123 -8.05 11.09 -17.55
C LYS C 123 -9.05 11.01 -18.68
N ILE C 124 -9.08 9.87 -19.36
CA ILE C 124 -9.95 9.70 -20.51
C ILE C 124 -11.34 9.36 -19.99
N LEU C 125 -12.33 10.16 -20.41
CA LEU C 125 -13.70 10.00 -19.94
C LEU C 125 -14.44 9.10 -20.90
N LEU C 126 -14.33 7.78 -20.68
CA LEU C 126 -14.74 6.75 -21.65
C LEU C 126 -16.24 6.46 -21.66
N GLY C 127 -16.91 6.78 -20.56
CA GLY C 127 -18.35 6.62 -20.49
C GLY C 127 -18.82 7.31 -19.22
N ASP C 128 -19.43 6.55 -18.31
CA ASP C 128 -19.83 7.08 -17.01
C ASP C 128 -18.59 7.21 -16.11
N ALA C 129 -18.76 7.78 -14.91
CA ALA C 129 -17.64 8.12 -14.03
C ALA C 129 -16.75 6.92 -13.65
N GLY C 130 -17.38 5.77 -13.47
CA GLY C 130 -16.66 4.54 -13.14
C GLY C 130 -15.77 4.09 -14.29
N ASP C 131 -16.18 4.42 -15.51
CA ASP C 131 -15.43 4.07 -16.70
C ASP C 131 -14.51 5.19 -17.16
N SER C 132 -13.53 5.53 -16.33
CA SER C 132 -12.58 6.59 -16.68
C SER C 132 -11.21 6.01 -16.45
N LEU C 133 -10.20 6.52 -17.12
CA LEU C 133 -8.87 5.98 -16.93
C LEU C 133 -7.88 7.09 -16.66
N ASN C 134 -7.24 7.03 -15.49
CA ASN C 134 -6.26 8.05 -15.10
C ASN C 134 -4.94 7.93 -15.83
N ASP C 135 -4.23 9.05 -15.93
CA ASP C 135 -2.83 9.10 -16.37
C ASP C 135 -2.59 8.40 -17.73
N CYS C 136 -3.53 8.58 -18.66
CA CYS C 136 -3.31 8.14 -20.03
C CYS C 136 -2.49 9.14 -20.79
N ARG C 137 -1.47 8.66 -21.50
CA ARG C 137 -0.74 9.55 -22.39
C ARG C 137 -1.58 9.87 -23.61
N ILE C 138 -1.79 11.16 -23.84
CA ILE C 138 -2.48 11.64 -25.03
C ILE C 138 -1.46 11.74 -26.15
N MET C 139 -1.65 10.94 -27.19
CA MET C 139 -0.56 10.73 -28.13
C MET C 139 -0.46 11.83 -29.19
N PHE C 140 -1.49 12.66 -29.29
CA PHE C 140 -1.54 13.65 -30.36
C PHE C 140 -1.77 15.02 -29.80
N VAL C 141 -0.68 15.65 -29.36
CA VAL C 141 -0.84 16.84 -28.51
C VAL C 141 -1.13 18.10 -29.32
N THR C 142 -1.00 18.04 -30.65
CA THR C 142 -1.39 19.16 -31.51
C THR C 142 -2.81 19.02 -32.04
N GLU C 143 -3.55 18.05 -31.51
CA GLU C 143 -4.93 17.82 -31.94
C GLU C 143 -5.87 17.75 -30.76
N ILE C 144 -5.67 18.63 -29.78
CA ILE C 144 -6.52 18.65 -28.60
C ILE C 144 -7.54 19.77 -28.78
N TYR C 145 -8.82 19.42 -28.82
CA TYR C 145 -9.85 20.38 -29.22
C TYR C 145 -10.61 20.98 -28.06
N LYS C 146 -11.00 22.23 -28.25
CA LYS C 146 -11.96 22.89 -27.38
C LYS C 146 -13.32 22.23 -27.56
N ILE C 147 -13.98 21.96 -26.44
CA ILE C 147 -15.34 21.44 -26.49
C ILE C 147 -16.28 22.62 -26.59
N GLU C 148 -17.16 22.59 -27.59
CA GLU C 148 -18.10 23.70 -27.81
C GLU C 148 -19.38 23.52 -27.00
N GLU C 149 -20.00 24.64 -26.63
CA GLU C 149 -21.27 24.62 -25.92
C GLU C 149 -22.42 24.97 -26.86
N PRO C 150 -23.56 24.29 -26.67
CA PRO C 150 -24.79 24.52 -27.42
C PRO C 150 -25.18 25.98 -27.36
N GLY C 151 -25.48 26.58 -28.50
CA GLY C 151 -25.76 28.00 -28.56
C GLY C 151 -24.50 28.83 -28.68
N LYS D 11 -6.82 -3.40 -6.47
CA LYS D 11 -5.55 -3.58 -5.75
C LYS D 11 -4.63 -2.36 -5.87
N ARG D 12 -4.11 -1.88 -4.73
CA ARG D 12 -3.14 -0.77 -4.68
C ARG D 12 -1.83 -1.10 -5.38
N LYS D 13 -1.25 -0.13 -6.07
CA LYS D 13 0.09 -0.33 -6.61
C LYS D 13 1.13 0.04 -5.55
N SER D 14 2.09 -0.84 -5.34
CA SER D 14 3.10 -0.64 -4.32
C SER D 14 4.49 -0.89 -4.87
N ALA D 15 5.47 -0.35 -4.17
CA ALA D 15 6.87 -0.60 -4.52
C ALA D 15 7.63 -0.86 -3.24
N GLY D 16 8.78 -1.51 -3.37
CA GLY D 16 9.59 -1.79 -2.21
C GLY D 16 9.22 -3.15 -1.69
N GLY D 17 9.58 -3.42 -0.44
CA GLY D 17 9.30 -4.75 0.08
C GLY D 17 8.11 -4.83 1.00
N GLY D 18 8.17 -5.82 1.88
CA GLY D 18 7.08 -6.03 2.82
C GLY D 18 7.35 -5.38 4.16
N PRO D 19 6.50 -5.68 5.13
CA PRO D 19 6.58 -5.12 6.47
C PRO D 19 7.84 -5.59 7.19
N SER D 20 8.36 -4.72 8.04
CA SER D 20 9.65 -4.97 8.67
C SER D 20 9.54 -6.00 9.80
N ARG D 21 8.36 -6.10 10.43
CA ARG D 21 8.24 -7.02 11.58
C ARG D 21 7.50 -8.30 11.27
N ALA D 22 8.05 -9.42 11.68
CA ALA D 22 7.40 -10.71 11.61
C ALA D 22 7.01 -11.10 13.01
N GLY D 23 6.15 -12.10 13.12
CA GLY D 23 5.76 -12.60 14.42
C GLY D 23 6.98 -13.01 15.22
N SER D 24 6.92 -12.73 16.52
CA SER D 24 7.94 -13.20 17.43
C SER D 24 7.30 -13.39 18.80
N PRO D 25 7.05 -14.65 19.18
CA PRO D 25 6.31 -14.89 20.42
C PRO D 25 6.96 -14.29 21.65
N ARG D 26 8.28 -14.13 21.68
CA ARG D 26 8.94 -13.64 22.88
C ARG D 26 8.76 -12.14 23.06
N ARG D 27 8.37 -11.47 21.97
CA ARG D 27 8.27 -10.01 21.91
C ARG D 27 6.84 -9.50 21.94
#